data_7Q9W
#
_entry.id   7Q9W
#
_cell.length_a   50.593
_cell.length_b   68.715
_cell.length_c   117.119
_cell.angle_alpha   90.000
_cell.angle_beta   90.000
_cell.angle_gamma   90.000
#
_symmetry.space_group_name_H-M   'I 2 2 2'
#
loop_
_entity.id
_entity.type
_entity.pdbx_description
1 polymer 'Cholinephosphate cytidylyltransferase'
2 non-polymer 4-(aminomethyl)pyridin-2-amine
3 non-polymer Guanidinium
4 water water
#
_entity_poly.entity_id   1
_entity_poly.type   'polypeptide(L)'
_entity_poly.pdbx_seq_one_letter_code
;GHMAVPDDDDDDDNSNDESEYESSQMDSEKNKGSIKNSKNVVIYADGVYDMLHLGHMKQLEQAKKLFENTTLIVGVTSDN
ETKLFKGQVVQTLEERTETLKHIRWVDEIISPCPWVVTPEFLEKYKIDYVAHDDIPYANNQKEDIYAWLKRAGKFKATQR
TEGVSTTDLIVRILKNYEDY
;
_entity_poly.pdbx_strand_id   A
#
loop_
_chem_comp.id
_chem_comp.type
_chem_comp.name
_chem_comp.formula
9NN non-polymer 4-(aminomethyl)pyridin-2-amine 'C6 H9 N3'
GZ6 non-polymer Guanidinium 'C H6 N3 1'
#
# COMPACT_ATOMS: atom_id res chain seq x y z
N SER A 38 -9.21 -12.29 -21.01
CA SER A 38 -9.19 -12.79 -19.65
C SER A 38 -10.16 -12.00 -18.77
N LYS A 39 -10.80 -12.70 -17.84
CA LYS A 39 -11.75 -12.06 -16.93
C LYS A 39 -11.04 -11.07 -16.01
N ASN A 40 -11.75 -10.01 -15.62
CA ASN A 40 -11.18 -8.98 -14.74
C ASN A 40 -11.06 -9.51 -13.32
N VAL A 41 -9.91 -9.24 -12.70
CA VAL A 41 -9.56 -9.75 -11.38
C VAL A 41 -9.41 -8.58 -10.43
N VAL A 42 -10.07 -8.62 -9.28
CA VAL A 42 -10.02 -7.50 -8.35
C VAL A 42 -8.98 -7.78 -7.29
N ILE A 43 -7.97 -6.88 -7.24
CA ILE A 43 -6.83 -6.97 -6.34
C ILE A 43 -6.98 -5.88 -5.29
N TYR A 44 -6.67 -6.22 -4.04
CA TYR A 44 -6.72 -5.25 -2.96
C TYR A 44 -5.35 -5.17 -2.31
N ALA A 45 -4.82 -3.95 -2.18
CA ALA A 45 -3.58 -3.72 -1.43
C ALA A 45 -3.88 -2.65 -0.41
N ASP A 46 -3.21 -2.68 0.75
CA ASP A 46 -3.44 -1.61 1.69
C ASP A 46 -2.12 -1.17 2.32
N GLY A 47 -2.17 -0.03 2.98
CA GLY A 47 -0.94 0.55 3.48
C GLY A 47 -1.18 1.94 4.05
N VAL A 48 -0.09 2.50 4.57
CA VAL A 48 -0.11 3.88 5.07
C VAL A 48 0.10 4.86 3.92
N TYR A 49 1.08 4.58 3.05
CA TYR A 49 1.41 5.48 1.93
C TYR A 49 1.76 6.88 2.41
N ASP A 50 2.49 6.96 3.52
CA ASP A 50 3.02 8.24 4.00
C ASP A 50 4.22 8.65 3.15
N MET A 51 4.33 9.94 2.84
CA MET A 51 5.33 10.45 1.89
C MET A 51 5.66 9.48 0.77
N LEU A 52 4.66 9.32 -0.10
CA LEU A 52 4.69 8.37 -1.20
C LEU A 52 5.98 8.48 -1.99
N HIS A 53 6.61 7.32 -2.22
CA HIS A 53 7.88 7.29 -2.90
C HIS A 53 7.89 6.13 -3.89
N LEU A 54 9.00 6.01 -4.62
CA LEU A 54 9.10 5.00 -5.67
C LEU A 54 8.83 3.60 -5.15
N GLY A 55 9.23 3.31 -3.91
CA GLY A 55 9.00 1.96 -3.38
C GLY A 55 7.52 1.63 -3.30
N HIS A 56 6.71 2.57 -2.81
CA HIS A 56 5.25 2.39 -2.86
C HIS A 56 4.78 2.17 -4.28
N MET A 57 5.18 3.05 -5.21
CA MET A 57 4.65 2.95 -6.55
C MET A 57 5.03 1.64 -7.22
N LYS A 58 6.24 1.15 -6.99
CA LYS A 58 6.59 -0.15 -7.56
C LYS A 58 5.76 -1.28 -6.96
N GLN A 59 5.46 -1.20 -5.67
CA GLN A 59 4.65 -2.27 -5.08
C GLN A 59 3.21 -2.21 -5.61
N LEU A 60 2.71 -1.01 -5.86
CA LEU A 60 1.38 -0.88 -6.44
C LEU A 60 1.38 -1.37 -7.88
N GLU A 61 2.45 -1.08 -8.63
CA GLU A 61 2.56 -1.61 -9.99
C GLU A 61 2.54 -3.13 -9.96
N GLN A 62 3.30 -3.71 -9.04
CA GLN A 62 3.35 -5.17 -8.95
C GLN A 62 1.96 -5.75 -8.69
N ALA A 63 1.24 -5.19 -7.73
CA ALA A 63 -0.12 -5.66 -7.46
C ALA A 63 -1.02 -5.49 -8.67
N LYS A 64 -0.93 -4.35 -9.35
CA LYS A 64 -1.78 -4.12 -10.51
C LYS A 64 -1.53 -5.13 -11.61
N LYS A 65 -0.29 -5.60 -11.72
CA LYS A 65 0.10 -6.46 -12.82
C LYS A 65 0.11 -7.93 -12.45
N LEU A 66 -0.51 -8.29 -11.33
CA LEU A 66 -0.56 -9.69 -10.94
C LEU A 66 -1.26 -10.57 -11.98
N PHE A 67 -2.25 -10.02 -12.67
CA PHE A 67 -2.93 -10.70 -13.76
C PHE A 67 -3.09 -9.76 -14.94
N GLU A 68 -3.52 -10.32 -16.07
CA GLU A 68 -3.60 -9.53 -17.30
C GLU A 68 -4.58 -8.38 -17.16
N ASN A 69 -5.74 -8.65 -16.59
CA ASN A 69 -6.82 -7.66 -16.49
C ASN A 69 -7.21 -7.57 -15.02
N THR A 70 -6.92 -6.45 -14.39
CA THR A 70 -7.21 -6.28 -12.97
C THR A 70 -7.92 -4.95 -12.70
N THR A 71 -8.57 -4.91 -11.54
CA THR A 71 -8.93 -3.66 -10.87
C THR A 71 -8.12 -3.64 -9.59
N LEU A 72 -7.28 -2.61 -9.41
CA LEU A 72 -6.48 -2.49 -8.20
C LEU A 72 -7.18 -1.51 -7.28
N ILE A 73 -7.67 -2.01 -6.15
CA ILE A 73 -8.24 -1.19 -5.08
C ILE A 73 -7.18 -1.02 -4.03
N VAL A 74 -6.96 0.20 -3.58
CA VAL A 74 -5.94 0.50 -2.61
C VAL A 74 -6.61 1.02 -1.36
N GLY A 75 -6.28 0.42 -0.22
CA GLY A 75 -6.81 0.86 1.06
C GLY A 75 -5.76 1.68 1.78
N VAL A 76 -6.19 2.83 2.32
CA VAL A 76 -5.31 3.77 3.00
C VAL A 76 -5.72 3.81 4.48
N THR A 77 -4.77 3.54 5.37
CA THR A 77 -5.10 3.35 6.78
C THR A 77 -5.33 4.68 7.49
N SER A 78 -6.20 4.65 8.49
CA SER A 78 -6.58 5.88 9.16
C SER A 78 -5.42 6.45 9.97
N ASP A 79 -5.50 7.75 10.23
CA ASP A 79 -4.49 8.39 11.06
C ASP A 79 -4.47 7.79 12.45
N ASN A 80 -5.64 7.64 13.07
CA ASN A 80 -5.69 7.19 14.47
C ASN A 80 -5.15 5.76 14.62
N GLU A 81 -5.58 4.85 13.72
CA GLU A 81 -5.16 3.46 13.88
C GLU A 81 -3.70 3.28 13.50
N THR A 82 -3.24 3.97 12.46
CA THR A 82 -1.83 3.85 12.11
C THR A 82 -0.94 4.25 13.28
N LYS A 83 -1.23 5.41 13.89
CA LYS A 83 -0.39 5.91 14.98
C LYS A 83 -0.48 5.01 16.21
N LEU A 84 -1.66 4.47 16.50
CA LEU A 84 -1.83 3.60 17.65
C LEU A 84 -1.08 2.28 17.49
N PHE A 85 -1.21 1.65 16.32
CA PHE A 85 -0.78 0.26 16.15
C PHE A 85 0.56 0.10 15.45
N LYS A 86 1.04 1.12 14.72
CA LYS A 86 2.17 0.91 13.84
C LYS A 86 3.29 1.91 14.10
N GLY A 87 2.98 3.20 14.07
CA GLY A 87 4.02 4.19 14.25
C GLY A 87 3.60 5.54 13.71
N GLN A 88 4.57 6.45 13.65
CA GLN A 88 4.27 7.84 13.37
C GLN A 88 4.03 8.05 11.88
N VAL A 89 3.17 9.02 11.58
CA VAL A 89 2.72 9.35 10.23
C VAL A 89 2.77 10.86 10.08
N VAL A 90 3.44 11.33 9.03
CA VAL A 90 3.60 12.76 8.78
C VAL A 90 2.34 13.36 8.15
N GLN A 91 1.81 12.71 7.14
CA GLN A 91 0.71 13.26 6.36
C GLN A 91 -0.64 12.74 6.84
N THR A 92 -1.65 13.59 6.73
CA THR A 92 -3.00 13.20 7.09
C THR A 92 -3.54 12.18 6.09
N LEU A 93 -4.60 11.47 6.51
CA LEU A 93 -5.28 10.56 5.61
C LEU A 93 -5.65 11.26 4.31
N GLU A 94 -6.23 12.45 4.40
CA GLU A 94 -6.66 13.16 3.20
C GLU A 94 -5.47 13.44 2.27
N GLU A 95 -4.32 13.84 2.83
CA GLU A 95 -3.14 14.10 2.01
C GLU A 95 -2.60 12.83 1.39
N ARG A 96 -2.53 11.76 2.18
CA ARG A 96 -2.00 10.50 1.66
C ARG A 96 -2.89 9.97 0.56
N THR A 97 -4.20 10.12 0.73
CA THR A 97 -5.16 9.66 -0.28
C THR A 97 -5.08 10.51 -1.52
N GLU A 98 -4.97 11.84 -1.36
CA GLU A 98 -4.95 12.70 -2.52
C GLU A 98 -3.72 12.42 -3.39
N THR A 99 -2.60 12.10 -2.77
CA THR A 99 -1.40 11.83 -3.54
C THR A 99 -1.53 10.53 -4.32
N LEU A 100 -2.13 9.53 -3.69
CA LEU A 100 -2.27 8.22 -4.32
C LEU A 100 -3.15 8.28 -5.56
N LYS A 101 -4.11 9.21 -5.61
CA LYS A 101 -4.99 9.26 -6.77
C LYS A 101 -4.23 9.57 -8.06
N HIS A 102 -3.01 10.08 -7.96
CA HIS A 102 -2.22 10.43 -9.13
C HIS A 102 -1.41 9.26 -9.68
N ILE A 103 -1.45 8.10 -9.05
CA ILE A 103 -0.59 6.98 -9.43
C ILE A 103 -1.32 6.15 -10.46
N ARG A 104 -0.64 5.80 -11.56
CA ARG A 104 -1.41 5.29 -12.68
C ARG A 104 -1.98 3.89 -12.42
N TRP A 105 -1.39 3.15 -11.49
CA TRP A 105 -1.82 1.77 -11.23
C TRP A 105 -3.08 1.70 -10.39
N VAL A 106 -3.44 2.80 -9.74
CA VAL A 106 -4.52 2.82 -8.76
C VAL A 106 -5.85 3.00 -9.48
N ASP A 107 -6.74 2.01 -9.35
CA ASP A 107 -8.06 2.12 -9.97
C ASP A 107 -9.12 2.63 -9.02
N GLU A 108 -9.06 2.20 -7.76
CA GLU A 108 -10.01 2.63 -6.75
C GLU A 108 -9.27 2.75 -5.42
N ILE A 109 -9.74 3.65 -4.57
CA ILE A 109 -9.18 3.83 -3.24
C ILE A 109 -10.29 3.68 -2.22
N ILE A 110 -10.01 2.93 -1.16
CA ILE A 110 -10.86 2.88 0.02
C ILE A 110 -10.14 3.65 1.13
N SER A 111 -10.71 4.79 1.54
CA SER A 111 -10.01 5.67 2.46
C SER A 111 -11.00 6.32 3.41
N PRO A 112 -10.94 6.04 4.72
CA PRO A 112 -9.98 5.12 5.34
C PRO A 112 -10.36 3.68 5.09
N CYS A 113 -9.37 2.80 5.14
CA CYS A 113 -9.66 1.39 5.05
C CYS A 113 -9.65 0.77 6.45
N PRO A 114 -10.21 -0.41 6.59
CA PRO A 114 -10.15 -1.10 7.88
C PRO A 114 -8.70 -1.46 8.22
N TRP A 115 -8.39 -1.46 9.51
CA TRP A 115 -7.04 -1.81 9.92
C TRP A 115 -6.76 -3.28 9.67
N VAL A 116 -7.76 -4.14 9.88
CA VAL A 116 -7.64 -5.58 9.69
C VAL A 116 -8.61 -6.01 8.60
N VAL A 117 -8.09 -6.68 7.58
CA VAL A 117 -8.90 -7.23 6.51
C VAL A 117 -9.70 -8.42 7.03
N THR A 118 -10.97 -8.48 6.67
CA THR A 118 -11.83 -9.60 7.04
C THR A 118 -12.41 -10.27 5.81
N PRO A 119 -12.85 -11.52 5.93
CA PRO A 119 -13.54 -12.17 4.80
C PRO A 119 -14.76 -11.42 4.35
N GLU A 120 -15.50 -10.80 5.30
CA GLU A 120 -16.66 -10.02 4.92
C GLU A 120 -16.28 -8.80 4.08
N PHE A 121 -15.18 -8.14 4.44
CA PHE A 121 -14.68 -7.03 3.62
C PHE A 121 -14.40 -7.50 2.18
N LEU A 122 -13.77 -8.66 2.00
CA LEU A 122 -13.52 -9.15 0.64
C LEU A 122 -14.83 -9.41 -0.09
N GLU A 123 -15.85 -9.87 0.64
CA GLU A 123 -17.13 -10.11 -0.02
C GLU A 123 -17.79 -8.81 -0.43
N LYS A 124 -17.76 -7.81 0.46
CA LYS A 124 -18.43 -6.54 0.21
C LYS A 124 -17.88 -5.86 -1.04
N TYR A 125 -16.56 -5.85 -1.22
CA TYR A 125 -15.96 -5.17 -2.34
C TYR A 125 -15.60 -6.11 -3.49
N LYS A 126 -16.03 -7.38 -3.41
CA LYS A 126 -15.82 -8.38 -4.48
C LYS A 126 -14.35 -8.53 -4.82
N ILE A 127 -13.51 -8.57 -3.78
CA ILE A 127 -12.06 -8.66 -3.94
C ILE A 127 -11.68 -10.11 -4.16
N ASP A 128 -10.89 -10.35 -5.21
CA ASP A 128 -10.44 -11.72 -5.52
C ASP A 128 -9.15 -12.09 -4.80
N TYR A 129 -8.20 -11.17 -4.71
CA TYR A 129 -6.90 -11.42 -4.10
C TYR A 129 -6.45 -10.20 -3.34
N VAL A 130 -5.69 -10.45 -2.29
CA VAL A 130 -5.07 -9.40 -1.50
C VAL A 130 -3.58 -9.45 -1.79
N ALA A 131 -3.02 -8.33 -2.23
CA ALA A 131 -1.61 -8.22 -2.55
C ALA A 131 -0.89 -7.65 -1.35
N HIS A 132 0.07 -8.40 -0.82
CA HIS A 132 0.73 -8.09 0.45
C HIS A 132 2.21 -8.43 0.37
N ASP A 133 3.00 -7.72 1.17
CA ASP A 133 4.43 -8.04 1.25
C ASP A 133 4.68 -9.04 2.38
N ASP A 144 0.69 -16.58 10.83
CA ASP A 144 0.49 -15.20 10.45
C ASP A 144 -0.95 -14.76 10.67
N ILE A 145 -1.12 -13.46 10.86
CA ILE A 145 -2.44 -12.84 10.83
C ILE A 145 -3.13 -13.11 9.51
N TYR A 146 -2.35 -13.49 8.48
CA TYR A 146 -2.81 -13.61 7.11
C TYR A 146 -2.95 -15.06 6.68
N ALA A 147 -2.86 -16.00 7.62
CA ALA A 147 -3.01 -17.41 7.27
C ALA A 147 -4.34 -17.68 6.58
N TRP A 148 -5.42 -17.05 7.04
CA TRP A 148 -6.72 -17.32 6.42
C TRP A 148 -6.72 -16.93 4.95
N LEU A 149 -6.03 -15.83 4.63
CA LEU A 149 -5.94 -15.41 3.23
C LEU A 149 -5.20 -16.44 2.40
N LYS A 150 -4.10 -16.97 2.93
CA LYS A 150 -3.36 -17.99 2.21
C LYS A 150 -4.18 -19.27 2.06
N ARG A 151 -4.88 -19.68 3.13
CA ARG A 151 -5.73 -20.87 3.01
C ARG A 151 -6.83 -20.68 1.99
N ALA A 152 -7.32 -19.45 1.81
CA ALA A 152 -8.38 -19.20 0.84
C ALA A 152 -7.87 -19.07 -0.59
N GLY A 153 -6.56 -19.12 -0.79
CA GLY A 153 -6.01 -18.90 -2.10
C GLY A 153 -6.00 -17.46 -2.55
N LYS A 154 -6.16 -16.52 -1.62
CA LYS A 154 -6.35 -15.11 -1.96
C LYS A 154 -5.13 -14.25 -1.62
N PHE A 155 -4.04 -14.84 -1.16
CA PHE A 155 -2.83 -14.10 -0.79
C PHE A 155 -1.86 -14.06 -1.98
N LYS A 156 -1.48 -12.86 -2.41
CA LYS A 156 -0.47 -12.68 -3.43
C LYS A 156 0.64 -11.79 -2.91
N ALA A 157 1.87 -12.27 -3.00
CA ALA A 157 3.02 -11.56 -2.45
C ALA A 157 3.47 -10.43 -3.35
N THR A 158 3.80 -9.29 -2.75
CA THR A 158 4.50 -8.22 -3.42
C THR A 158 5.76 -7.90 -2.63
N GLN A 159 6.69 -7.21 -3.26
CA GLN A 159 7.99 -6.94 -2.64
C GLN A 159 8.19 -5.46 -2.38
N ARG A 160 8.93 -5.17 -1.31
CA ARG A 160 9.39 -3.82 -1.03
C ARG A 160 10.72 -3.57 -1.71
N THR A 161 10.95 -2.32 -2.08
CA THR A 161 12.22 -1.88 -2.63
C THR A 161 12.98 -1.12 -1.56
N GLU A 162 14.25 -1.47 -1.36
CA GLU A 162 15.11 -0.82 -0.38
C GLU A 162 15.76 0.42 -0.97
N GLY A 163 16.06 1.38 -0.10
CA GLY A 163 16.89 2.51 -0.46
C GLY A 163 16.25 3.56 -1.33
N VAL A 164 14.92 3.60 -1.43
CA VAL A 164 14.29 4.54 -2.34
C VAL A 164 13.24 5.36 -1.63
N SER A 165 13.28 5.36 -0.29
CA SER A 165 12.21 6.03 0.41
C SER A 165 12.44 7.54 0.46
N THR A 166 11.38 8.25 0.81
CA THR A 166 11.51 9.69 0.94
C THR A 166 12.54 10.06 2.00
N THR A 167 12.54 9.35 3.13
CA THR A 167 13.54 9.66 4.16
C THR A 167 14.94 9.31 3.70
N ASP A 168 15.10 8.25 2.88
CA ASP A 168 16.42 7.97 2.31
C ASP A 168 16.95 9.17 1.53
N LEU A 169 16.06 9.88 0.81
CA LEU A 169 16.51 11.03 0.05
C LEU A 169 17.00 12.15 0.96
N ILE A 170 16.32 12.38 2.08
CA ILE A 170 16.79 13.40 3.01
C ILE A 170 18.15 13.01 3.59
N VAL A 171 18.34 11.73 3.90
CA VAL A 171 19.65 11.29 4.35
C VAL A 171 20.72 11.58 3.30
N ARG A 172 20.38 11.49 2.01
CA ARG A 172 21.35 11.83 0.97
C ARG A 172 21.65 13.33 0.95
N ILE A 173 20.64 14.15 1.18
CA ILE A 173 20.87 15.59 1.24
C ILE A 173 21.89 15.91 2.33
N LEU A 174 21.72 15.29 3.50
CA LEU A 174 22.57 15.60 4.65
C LEU A 174 24.03 15.23 4.43
N LYS A 175 24.31 14.30 3.51
CA LYS A 175 25.70 13.91 3.30
CA LYS A 175 25.70 13.91 3.27
C LYS A 175 26.52 14.99 2.60
N ASN A 176 25.89 16.05 2.09
CA ASN A 176 26.68 17.18 1.57
C ASN A 176 27.34 17.99 2.68
N TYR A 177 27.11 17.66 3.95
CA TYR A 177 27.63 18.43 5.06
C TYR A 177 28.51 17.50 5.88
N GLU A 178 29.82 17.69 5.74
CA GLU A 178 30.77 16.82 6.42
C GLU A 178 30.64 16.99 7.93
N ASP A 179 30.92 15.91 8.65
CA ASP A 179 30.95 15.99 10.11
C ASP A 179 31.96 17.03 10.59
N TYR A 180 33.07 17.18 9.87
CA TYR A 180 34.11 18.11 10.28
C TYR A 180 34.60 18.91 9.08
C02 9NN B . -11.37 10.58 0.59
C03 9NN B . -11.03 11.17 1.95
C04 9NN B . -10.20 10.48 2.85
C05 9NN B . -9.92 11.11 4.07
C07 9NN B . -11.22 13.02 3.60
C08 9NN B . -11.53 12.44 2.35
N01 9NN B . -10.76 11.38 -0.53
N06 9NN B . -10.39 12.32 4.48
N09 9NN B . -11.70 14.27 4.01
C GZ6 C . -2.89 -2.35 7.57
N1 GZ6 C . -4.03 -2.92 7.13
N2 GZ6 C . -2.82 -2.12 8.92
N3 GZ6 C . -1.96 -2.07 6.72
H1 GZ6 C . -4.14 -3.11 6.15
H2 GZ6 C . -3.57 -2.35 9.59
H3 GZ6 C . -2.04 -1.71 9.41
H4 GZ6 C . -2.15 -2.30 5.75
H6 GZ6 C . -4.76 -3.14 7.80
#